data_3QZ8
#
_entry.id   3QZ8
#
_cell.length_a   98.906
_cell.length_b   102.694
_cell.length_c   52.617
_cell.angle_alpha   90.00
_cell.angle_beta   90.00
_cell.angle_gamma   90.00
#
_symmetry.space_group_name_H-M   'P 21 21 2'
#
loop_
_entity.id
_entity.type
_entity.pdbx_description
1 polymer 'DNA polymerase IV'
2 polymer "5'-D(*GP*GP*CP*AP*CP*TP*GP*AP*TP*CP*AP*GP*G)-3'"
3 polymer "5'-D(*TP*TP*AP*CP*GP*CP*CP*TP*TP*GP*AP*TP*CP*AP*GP*TP*GP*CP*C)-3'"
4 non-polymer 'CALCIUM ION'
5 non-polymer "2'-DEOXYCYTIDINE-5'-TRIPHOSPHATE"
6 water water
#
loop_
_entity_poly.entity_id
_entity_poly.type
_entity_poly.pdbx_seq_one_letter_code
_entity_poly.pdbx_strand_id
1 'polypeptide(L)'
;MIVLFVDFDYFYAQVEEVLNPSLKGKPVVVCVFSGRFEDSGAVATANYEARKFGVKAGIPIVEAKKILPNAVYLPMRKEV
YQQVSSRIMNLLREYSEKIEIASIDEAYLDISDKVRDYREAYNLGLEIKNKILEKEKITVTVGISKNKVFAKIAADMAKP
NGIKVIDDEEVKRLIRELDIADVPGIGNITAEKLKKLGINKLVDTLSIEFDKLKGMIGEAKAKYLISLARDEYNEPIRTR
VRKSIGRIVTMKRNSRNLEEIKPYLFRAIEESYYKLDKRIPKAIHVVAVTEDLDIVSRGRTFPHGISKETAYSESVKLLQ
KILEEDERKIRRIGVRFSKFIEAIGLDKFFDTGGHHHHHH
;
A
2 'polydeoxyribonucleotide' (DG)(DG)(DC)(DA)(DC)(DT)(DG)(DA)(DT)(DC)(DA)(DG)(DG) P
3 'polydeoxyribonucleotide' (DT)(DT)(DA)(DC)(DG)(DC)(DC)(DT)(DT)(DG)(DA)(DT)(DC)(DA)(DG)(DT)(DG)(DC)(DC) T
#
loop_
_chem_comp.id
_chem_comp.type
_chem_comp.name
_chem_comp.formula
CA non-polymer 'CALCIUM ION' 'Ca 2'
DA DNA linking 2'-DEOXYADENOSINE-5'-MONOPHOSPHATE 'C10 H14 N5 O6 P'
DC DNA linking 2'-DEOXYCYTIDINE-5'-MONOPHOSPHATE 'C9 H14 N3 O7 P'
DCP non-polymer 2'-DEOXYCYTIDINE-5'-TRIPHOSPHATE 'C9 H16 N3 O13 P3'
DG DNA linking 2'-DEOXYGUANOSINE-5'-MONOPHOSPHATE 'C10 H14 N5 O7 P'
DT DNA linking THYMIDINE-5'-MONOPHOSPHATE 'C10 H15 N2 O8 P'
#
# COMPACT_ATOMS: atom_id res chain seq x y z
N MET A 1 -8.99 -23.95 6.49
CA MET A 1 -9.27 -22.77 5.64
C MET A 1 -8.23 -22.66 4.52
N ILE A 2 -8.67 -22.21 3.34
CA ILE A 2 -7.77 -22.04 2.21
C ILE A 2 -7.94 -20.64 1.66
N VAL A 3 -6.84 -19.91 1.59
CA VAL A 3 -6.83 -18.52 1.19
C VAL A 3 -6.02 -18.41 -0.09
N LEU A 4 -6.59 -17.75 -1.11
CA LEU A 4 -5.86 -17.50 -2.34
C LEU A 4 -5.61 -15.99 -2.45
N PHE A 5 -4.34 -15.59 -2.56
CA PHE A 5 -3.96 -14.18 -2.61
C PHE A 5 -3.44 -13.87 -4.01
N VAL A 6 -3.88 -12.75 -4.60
CA VAL A 6 -3.51 -12.35 -5.96
C VAL A 6 -2.84 -10.98 -5.87
N ASP A 7 -1.70 -10.82 -6.55
CA ASP A 7 -0.90 -9.60 -6.43
C ASP A 7 -0.41 -9.32 -7.84
N PHE A 8 -0.81 -8.19 -8.42
CA PHE A 8 -0.54 -7.93 -9.85
C PHE A 8 0.94 -7.55 -10.01
N ASP A 9 1.58 -7.99 -11.10
CA ASP A 9 3.04 -7.81 -11.26
C ASP A 9 3.42 -6.39 -11.69
N TYR A 10 4.48 -5.83 -11.13
CA TYR A 10 4.92 -4.47 -11.48
C TYR A 10 3.78 -3.60 -12.01
N PHE A 11 2.73 -3.50 -11.22
CA PHE A 11 1.44 -3.12 -11.75
C PHE A 11 1.42 -1.84 -12.58
N TYR A 12 1.86 -0.70 -12.05
CA TYR A 12 1.69 0.52 -12.83
C TYR A 12 2.48 0.39 -14.13
N ALA A 13 3.71 -0.10 -14.06
CA ALA A 13 4.52 -0.19 -15.29
C ALA A 13 3.91 -1.16 -16.28
N GLN A 14 3.32 -2.24 -15.78
CA GLN A 14 2.73 -3.20 -16.67
C GLN A 14 1.52 -2.63 -17.40
N VAL A 15 0.69 -1.85 -16.71
CA VAL A 15 -0.46 -1.25 -17.37
C VAL A 15 0.03 -0.34 -18.51
N GLU A 16 1.10 0.41 -18.26
CA GLU A 16 1.66 1.27 -19.29
C GLU A 16 2.12 0.45 -20.52
N GLU A 17 2.70 -0.73 -20.29
CA GLU A 17 3.12 -1.60 -21.40
C GLU A 17 1.91 -2.14 -22.16
N VAL A 18 0.85 -2.51 -21.44
CA VAL A 18 -0.35 -3.03 -22.11
C VAL A 18 -0.91 -1.94 -23.01
N LEU A 19 -0.88 -0.70 -22.52
CA LEU A 19 -1.41 0.41 -23.29
C LEU A 19 -0.47 0.86 -24.44
N ASN A 20 0.82 0.57 -24.30
CA ASN A 20 1.81 0.90 -25.34
C ASN A 20 2.79 -0.25 -25.46
N PRO A 21 2.42 -1.28 -26.26
CA PRO A 21 3.22 -2.51 -26.20
C PRO A 21 4.65 -2.33 -26.75
N SER A 22 4.95 -1.22 -27.39
CA SER A 22 6.35 -0.98 -27.80
C SER A 22 7.31 -0.86 -26.59
N LEU A 23 6.76 -0.60 -25.42
CA LEU A 23 7.55 -0.50 -24.17
C LEU A 23 8.05 -1.87 -23.73
N LYS A 24 7.40 -2.93 -24.21
CA LYS A 24 7.79 -4.28 -23.81
C LYS A 24 9.27 -4.52 -24.04
N GLY A 25 9.92 -5.08 -23.02
CA GLY A 25 11.35 -5.39 -23.08
C GLY A 25 12.28 -4.22 -22.82
N LYS A 26 11.74 -3.02 -22.69
CA LYS A 26 12.53 -1.84 -22.32
C LYS A 26 12.40 -1.59 -20.80
N PRO A 27 13.41 -0.95 -20.18
CA PRO A 27 13.23 -0.60 -18.78
C PRO A 27 12.26 0.59 -18.71
N VAL A 28 11.25 0.47 -17.88
CA VAL A 28 10.19 1.49 -17.78
C VAL A 28 10.06 1.91 -16.34
N VAL A 29 10.02 3.22 -16.09
CA VAL A 29 10.01 3.73 -14.72
C VAL A 29 8.80 4.68 -14.60
N VAL A 30 7.87 4.37 -13.71
CA VAL A 30 6.70 5.22 -13.50
C VAL A 30 7.00 6.19 -12.38
N CYS A 31 6.91 7.48 -12.68
CA CYS A 31 7.40 8.52 -11.77
C CYS A 31 6.29 9.42 -11.24
N VAL A 32 6.49 9.94 -10.03
CA VAL A 32 5.62 10.96 -9.45
C VAL A 32 6.42 12.25 -9.38
N PHE A 33 6.12 13.17 -10.29
CA PHE A 33 6.80 14.47 -10.32
C PHE A 33 6.12 15.45 -9.38
N SER A 34 6.90 16.09 -8.52
CA SER A 34 6.36 17.04 -7.54
C SER A 34 6.26 18.48 -8.09
N GLY A 35 7.10 18.80 -9.07
CA GLY A 35 7.01 20.07 -9.78
C GLY A 35 7.76 21.22 -9.12
N ARG A 36 8.56 20.88 -8.10
CA ARG A 36 9.39 21.88 -7.42
C ARG A 36 10.55 22.33 -8.29
N PHE A 37 11.18 21.37 -8.95
CA PHE A 37 12.13 21.68 -10.01
C PHE A 37 12.02 20.61 -11.08
N GLU A 38 13.02 20.53 -11.97
CA GLU A 38 12.96 19.58 -13.06
C GLU A 38 13.44 18.20 -12.62
N ASP A 39 12.57 17.21 -12.77
CA ASP A 39 12.85 15.83 -12.35
C ASP A 39 12.79 15.64 -10.84
N SER A 40 12.24 16.61 -10.11
CA SER A 40 12.02 16.39 -8.69
C SER A 40 10.85 15.43 -8.57
N GLY A 41 10.92 14.52 -7.61
CA GLY A 41 9.88 13.51 -7.44
C GLY A 41 10.50 12.14 -7.16
N ALA A 42 9.66 11.12 -7.06
CA ALA A 42 10.13 9.80 -6.66
C ALA A 42 9.59 8.75 -7.60
N VAL A 43 10.21 7.58 -7.64
CA VAL A 43 9.72 6.47 -8.44
C VAL A 43 8.53 5.78 -7.75
N ALA A 44 7.43 5.56 -8.49
CA ALA A 44 6.28 4.82 -7.97
C ALA A 44 6.52 3.33 -8.12
N THR A 45 6.91 2.91 -9.30
CA THR A 45 7.40 1.55 -9.49
C THR A 45 8.20 1.50 -10.79
N ALA A 46 8.91 0.39 -11.02
CA ALA A 46 9.67 0.17 -12.25
C ALA A 46 9.46 -1.28 -12.66
N ASN A 47 9.56 -1.58 -13.95
CA ASN A 47 9.34 -2.94 -14.37
C ASN A 47 10.63 -3.71 -14.09
N TYR A 48 10.62 -5.01 -14.30
CA TYR A 48 11.75 -5.80 -13.83
C TYR A 48 13.02 -5.49 -14.63
N GLU A 49 12.88 -4.97 -15.85
CA GLU A 49 14.03 -4.63 -16.67
C GLU A 49 14.77 -3.46 -16.04
N ALA A 50 14.02 -2.53 -15.43
CA ALA A 50 14.66 -1.44 -14.69
C ALA A 50 15.06 -1.81 -13.25
N ARG A 51 14.24 -2.60 -12.58
CA ARG A 51 14.43 -2.91 -11.18
C ARG A 51 15.68 -3.74 -10.99
N LYS A 52 15.99 -4.52 -12.00
CA LYS A 52 17.16 -5.37 -12.04
C LYS A 52 18.44 -4.60 -11.70
N PHE A 53 18.45 -3.33 -12.07
CA PHE A 53 19.67 -2.53 -11.93
C PHE A 53 19.60 -1.61 -10.74
N GLY A 54 18.56 -1.78 -9.92
CA GLY A 54 18.45 -1.09 -8.65
C GLY A 54 17.47 0.06 -8.71
N VAL A 55 16.69 0.15 -9.78
CA VAL A 55 15.71 1.23 -9.87
C VAL A 55 14.42 0.76 -9.21
N LYS A 56 14.14 1.28 -8.02
CA LYS A 56 13.05 0.71 -7.24
C LYS A 56 12.14 1.78 -6.66
N ALA A 57 10.92 1.36 -6.32
CA ALA A 57 9.92 2.22 -5.72
C ALA A 57 10.54 3.02 -4.60
N GLY A 58 10.28 4.33 -4.60
CA GLY A 58 10.68 5.17 -3.50
C GLY A 58 11.92 5.99 -3.79
N ILE A 59 12.81 5.50 -4.64
CA ILE A 59 14.02 6.28 -4.85
C ILE A 59 13.72 7.52 -5.64
N PRO A 60 14.60 8.52 -5.52
CA PRO A 60 14.49 9.78 -6.25
C PRO A 60 14.62 9.59 -7.75
N ILE A 61 13.82 10.30 -8.51
CA ILE A 61 13.91 10.20 -9.97
C ILE A 61 15.32 10.52 -10.45
N VAL A 62 15.96 11.51 -9.83
CA VAL A 62 17.30 11.91 -10.23
C VAL A 62 18.28 10.75 -10.03
N GLU A 63 18.09 9.99 -8.96
CA GLU A 63 18.94 8.84 -8.70
C GLU A 63 18.69 7.73 -9.73
N ALA A 64 17.44 7.51 -10.09
CA ALA A 64 17.10 6.54 -11.13
C ALA A 64 17.79 6.89 -12.42
N LYS A 65 17.78 8.17 -12.77
CA LYS A 65 18.36 8.57 -14.06
C LYS A 65 19.89 8.46 -14.06
N LYS A 66 20.51 8.48 -12.90
CA LYS A 66 21.94 8.30 -12.83
C LYS A 66 22.30 6.86 -13.17
N ILE A 67 21.43 5.94 -12.77
CA ILE A 67 21.63 4.50 -12.98
C ILE A 67 21.27 4.11 -14.40
N LEU A 68 20.11 4.57 -14.87
CA LEU A 68 19.63 4.23 -16.22
C LEU A 68 19.15 5.48 -16.94
N PRO A 69 20.08 6.27 -17.46
CA PRO A 69 19.70 7.53 -18.12
C PRO A 69 18.83 7.32 -19.36
N ASN A 70 18.87 6.14 -19.97
CA ASN A 70 18.13 5.92 -21.21
C ASN A 70 16.83 5.11 -21.06
N ALA A 71 16.41 4.87 -19.81
CA ALA A 71 15.13 4.18 -19.56
C ALA A 71 13.97 5.07 -20.00
N VAL A 72 12.77 4.49 -20.04
CA VAL A 72 11.59 5.26 -20.37
C VAL A 72 10.95 5.74 -19.08
N TYR A 73 10.89 7.04 -18.89
CA TYR A 73 10.34 7.60 -17.65
C TYR A 73 8.94 8.16 -17.93
N LEU A 74 7.93 7.59 -17.31
CA LEU A 74 6.56 7.99 -17.59
C LEU A 74 5.91 8.57 -16.37
N PRO A 75 5.05 9.58 -16.54
CA PRO A 75 4.37 10.12 -15.36
C PRO A 75 3.25 9.18 -14.88
N MET A 76 3.06 9.08 -13.57
CA MET A 76 2.03 8.19 -13.02
C MET A 76 0.63 8.63 -13.53
N ARG A 77 -0.17 7.68 -14.00
CA ARG A 77 -1.56 7.95 -14.38
C ARG A 77 -2.47 7.08 -13.53
N LYS A 78 -2.61 7.45 -12.28
CA LYS A 78 -3.24 6.56 -11.29
C LYS A 78 -4.70 6.28 -11.63
N GLU A 79 -5.39 7.25 -12.23
CA GLU A 79 -6.79 7.06 -12.63
C GLU A 79 -6.90 5.92 -13.63
N VAL A 80 -5.96 5.85 -14.56
CA VAL A 80 -5.94 4.74 -15.52
C VAL A 80 -5.68 3.40 -14.79
N TYR A 81 -4.67 3.34 -13.93
CA TYR A 81 -4.39 2.09 -13.23
C TYR A 81 -5.60 1.71 -12.37
N GLN A 82 -6.24 2.70 -11.79
CA GLN A 82 -7.33 2.41 -10.86
C GLN A 82 -8.48 1.79 -11.65
N GLN A 83 -8.74 2.31 -12.85
CA GLN A 83 -9.84 1.74 -13.63
C GLN A 83 -9.46 0.34 -14.11
N VAL A 84 -8.21 0.11 -14.46
CA VAL A 84 -7.82 -1.22 -14.91
C VAL A 84 -7.93 -2.20 -13.73
N SER A 85 -7.43 -1.76 -12.58
CA SER A 85 -7.54 -2.57 -11.36
C SER A 85 -9.00 -2.95 -11.07
N SER A 86 -9.92 -1.98 -11.15
CA SER A 86 -11.34 -2.29 -10.87
C SER A 86 -11.87 -3.40 -11.76
N ARG A 87 -11.50 -3.37 -13.03
CA ARG A 87 -11.97 -4.42 -13.94
C ARG A 87 -11.46 -5.77 -13.51
N ILE A 88 -10.19 -5.84 -13.12
CA ILE A 88 -9.61 -7.12 -12.72
C ILE A 88 -10.29 -7.61 -11.44
N MET A 89 -10.49 -6.70 -10.49
CA MET A 89 -11.18 -7.05 -9.26
C MET A 89 -12.56 -7.63 -9.56
N ASN A 90 -13.29 -7.06 -10.52
CA ASN A 90 -14.57 -7.66 -10.90
C ASN A 90 -14.41 -9.08 -11.45
N LEU A 91 -13.30 -9.36 -12.13
CA LEU A 91 -13.03 -10.71 -12.59
C LEU A 91 -12.88 -11.68 -11.39
N LEU A 92 -12.23 -11.23 -10.33
CA LEU A 92 -11.95 -12.08 -9.18
C LEU A 92 -13.20 -12.44 -8.37
N ARG A 93 -14.21 -11.56 -8.39
CA ARG A 93 -15.43 -11.75 -7.63
C ARG A 93 -16.21 -12.96 -8.13
N GLU A 94 -15.89 -13.40 -9.34
CA GLU A 94 -16.54 -14.55 -9.92
C GLU A 94 -16.08 -15.84 -9.23
N TYR A 95 -14.90 -15.82 -8.62
CA TYR A 95 -14.34 -17.03 -8.02
C TYR A 95 -14.66 -17.20 -6.55
N SER A 96 -15.21 -16.17 -5.92
CA SER A 96 -15.57 -16.26 -4.51
C SER A 96 -16.27 -15.00 -4.04
N GLU A 97 -17.34 -15.16 -3.26
CA GLU A 97 -18.03 -14.00 -2.67
C GLU A 97 -17.27 -13.49 -1.45
N LYS A 98 -16.42 -14.34 -0.87
CA LYS A 98 -15.58 -13.94 0.24
C LYS A 98 -14.29 -13.34 -0.33
N ILE A 99 -14.30 -12.04 -0.57
CA ILE A 99 -13.14 -11.38 -1.17
C ILE A 99 -12.73 -10.09 -0.45
N GLU A 100 -11.44 -9.96 -0.19
CA GLU A 100 -10.92 -8.78 0.49
C GLU A 100 -9.95 -8.06 -0.45
N ILE A 101 -10.39 -6.91 -0.96
CA ILE A 101 -9.57 -6.11 -1.84
C ILE A 101 -8.67 -5.22 -1.01
N ALA A 102 -7.39 -5.55 -0.99
CA ALA A 102 -6.49 -5.03 0.02
C ALA A 102 -5.68 -3.83 -0.45
N SER A 103 -5.66 -3.57 -1.75
CA SER A 103 -5.03 -2.38 -2.28
C SER A 103 -5.33 -2.34 -3.75
N ILE A 104 -4.70 -1.44 -4.46
CA ILE A 104 -5.05 -1.28 -5.87
C ILE A 104 -4.64 -2.52 -6.68
N ASP A 105 -3.69 -3.31 -6.18
CA ASP A 105 -3.28 -4.47 -6.98
C ASP A 105 -3.20 -5.80 -6.21
N GLU A 106 -3.98 -5.95 -5.15
CA GLU A 106 -3.96 -7.17 -4.35
C GLU A 106 -5.34 -7.52 -3.87
N ALA A 107 -5.63 -8.81 -3.81
CA ALA A 107 -6.88 -9.25 -3.20
C ALA A 107 -6.73 -10.63 -2.56
N TYR A 108 -7.48 -10.84 -1.48
CA TYR A 108 -7.59 -12.14 -0.84
C TYR A 108 -8.95 -12.79 -1.14
N LEU A 109 -8.96 -14.06 -1.52
CA LEU A 109 -10.19 -14.77 -1.72
C LEU A 109 -10.20 -15.90 -0.73
N ASP A 110 -11.31 -16.08 -0.04
CA ASP A 110 -11.45 -17.27 0.79
C ASP A 110 -12.12 -18.33 -0.06
N ILE A 111 -11.34 -19.32 -0.50
CA ILE A 111 -11.85 -20.35 -1.40
C ILE A 111 -12.08 -21.66 -0.65
N SER A 112 -12.30 -21.55 0.65
CA SER A 112 -12.55 -22.70 1.52
C SER A 112 -13.73 -23.54 1.02
N ASP A 113 -14.78 -22.87 0.58
CA ASP A 113 -15.97 -23.55 0.10
C ASP A 113 -16.01 -23.79 -1.42
N LYS A 114 -14.89 -23.58 -2.10
CA LYS A 114 -14.86 -23.82 -3.55
C LYS A 114 -13.94 -24.97 -3.91
N VAL A 115 -12.93 -25.24 -3.07
CA VAL A 115 -12.04 -26.38 -3.32
C VAL A 115 -11.88 -27.23 -2.09
N ARG A 116 -11.47 -28.48 -2.29
CA ARG A 116 -11.38 -29.45 -1.20
C ARG A 116 -9.97 -29.53 -0.66
N ASP A 117 -8.99 -29.36 -1.52
CA ASP A 117 -7.59 -29.46 -1.12
C ASP A 117 -6.67 -28.51 -1.88
N TYR A 118 -5.39 -28.53 -1.55
CA TYR A 118 -4.42 -27.63 -2.15
C TYR A 118 -4.21 -27.93 -3.62
N ARG A 119 -4.41 -29.18 -4.03
CA ARG A 119 -4.30 -29.51 -5.46
C ARG A 119 -5.33 -28.74 -6.28
N GLU A 120 -6.60 -28.82 -5.87
CA GLU A 120 -7.67 -28.10 -6.56
C GLU A 120 -7.45 -26.59 -6.47
N ALA A 121 -6.91 -26.13 -5.35
CA ALA A 121 -6.68 -24.70 -5.14
C ALA A 121 -5.65 -24.18 -6.15
N TYR A 122 -4.55 -24.91 -6.30
CA TYR A 122 -3.51 -24.58 -7.28
C TYR A 122 -4.11 -24.47 -8.67
N ASN A 123 -5.00 -25.39 -9.01
CA ASN A 123 -5.63 -25.41 -10.33
C ASN A 123 -6.52 -24.19 -10.53
N LEU A 124 -7.23 -23.80 -9.47
CA LEU A 124 -8.06 -22.61 -9.51
C LEU A 124 -7.22 -21.34 -9.65
N GLY A 125 -6.06 -21.33 -9.00
CA GLY A 125 -5.10 -20.25 -9.15
C GLY A 125 -4.60 -20.11 -10.58
N LEU A 126 -4.39 -21.23 -11.25
CA LEU A 126 -4.01 -21.23 -12.66
C LEU A 126 -5.11 -20.67 -13.53
N GLU A 127 -6.33 -21.05 -13.20
CA GLU A 127 -7.51 -20.58 -13.89
C GLU A 127 -7.68 -19.07 -13.75
N ILE A 128 -7.38 -18.56 -12.56
CA ILE A 128 -7.51 -17.13 -12.33
C ILE A 128 -6.45 -16.37 -13.15
N LYS A 129 -5.22 -16.84 -13.10
CA LYS A 129 -4.13 -16.22 -13.85
C LYS A 129 -4.45 -16.14 -15.34
N ASN A 130 -4.92 -17.26 -15.89
CA ASN A 130 -5.22 -17.33 -17.32
C ASN A 130 -6.39 -16.42 -17.66
N LYS A 131 -7.37 -16.33 -16.77
CA LYS A 131 -8.51 -15.45 -17.01
C LYS A 131 -8.08 -13.98 -17.08
N ILE A 132 -7.27 -13.53 -16.12
CA ILE A 132 -6.85 -12.12 -16.09
C ILE A 132 -5.97 -11.85 -17.30
N LEU A 133 -5.15 -12.83 -17.68
CA LEU A 133 -4.32 -12.71 -18.89
C LEU A 133 -5.20 -12.61 -20.13
N GLU A 134 -6.24 -13.43 -20.19
CA GLU A 134 -7.12 -13.46 -21.34
C GLU A 134 -7.87 -12.15 -21.50
N LYS A 135 -8.43 -11.64 -20.39
CA LYS A 135 -9.33 -10.50 -20.47
C LYS A 135 -8.59 -9.18 -20.48
N GLU A 136 -7.51 -9.07 -19.71
CA GLU A 136 -6.83 -7.77 -19.54
C GLU A 136 -5.34 -7.79 -19.94
N LYS A 137 -4.81 -8.96 -20.25
CA LYS A 137 -3.41 -9.11 -20.66
C LYS A 137 -2.45 -8.62 -19.57
N ILE A 138 -2.82 -8.84 -18.31
CA ILE A 138 -2.00 -8.51 -17.15
C ILE A 138 -1.60 -9.80 -16.49
N THR A 139 -0.32 -9.92 -16.10
CA THR A 139 0.17 -11.09 -15.39
C THR A 139 0.14 -10.76 -13.92
N VAL A 140 -0.15 -11.78 -13.11
CA VAL A 140 -0.20 -11.63 -11.67
C VAL A 140 0.51 -12.80 -11.05
N THR A 141 0.77 -12.72 -9.75
CA THR A 141 1.32 -13.83 -8.99
C THR A 141 0.26 -14.27 -8.01
N VAL A 142 0.16 -15.58 -7.81
CA VAL A 142 -0.81 -16.16 -6.90
C VAL A 142 -0.10 -16.90 -5.78
N GLY A 143 -0.53 -16.63 -4.55
CA GLY A 143 -0.02 -17.33 -3.38
C GLY A 143 -1.19 -17.99 -2.67
N ILE A 144 -1.00 -19.22 -2.20
CA ILE A 144 -2.09 -19.99 -1.58
C ILE A 144 -1.58 -20.66 -0.32
N SER A 145 -2.34 -20.57 0.77
CA SER A 145 -1.96 -21.21 2.03
C SER A 145 -3.14 -21.23 2.97
N LYS A 146 -2.89 -21.47 4.25
CA LYS A 146 -3.97 -21.67 5.21
C LYS A 146 -4.48 -20.37 5.83
N ASN A 147 -3.77 -19.26 5.62
CA ASN A 147 -4.22 -17.95 6.12
C ASN A 147 -3.69 -16.79 5.28
N LYS A 148 -4.18 -15.58 5.58
CA LYS A 148 -3.82 -14.44 4.74
C LYS A 148 -2.34 -14.17 4.81
N VAL A 149 -1.73 -14.36 5.98
CA VAL A 149 -0.32 -14.01 6.13
C VAL A 149 0.55 -14.91 5.29
N PHE A 150 0.34 -16.22 5.37
CA PHE A 150 1.14 -17.16 4.58
C PHE A 150 0.75 -17.19 3.13
N ALA A 151 -0.47 -16.78 2.80
CA ALA A 151 -0.83 -16.67 1.39
C ALA A 151 0.01 -15.56 0.74
N LYS A 152 0.23 -14.48 1.49
CA LYS A 152 1.02 -13.34 1.00
C LYS A 152 2.50 -13.66 0.91
N ILE A 153 3.01 -14.40 1.91
CA ILE A 153 4.40 -14.80 1.88
C ILE A 153 4.61 -15.70 0.69
N ALA A 154 3.63 -16.55 0.39
CA ALA A 154 3.72 -17.42 -0.79
C ALA A 154 3.89 -16.63 -2.08
N ALA A 155 3.03 -15.64 -2.28
CA ALA A 155 3.12 -14.79 -3.45
C ALA A 155 4.48 -14.09 -3.51
N ASP A 156 4.96 -13.60 -2.36
CA ASP A 156 6.25 -12.92 -2.33
C ASP A 156 7.32 -13.85 -2.89
N MET A 157 7.23 -15.14 -2.52
CA MET A 157 8.23 -16.13 -2.91
C MET A 157 8.16 -16.51 -4.38
N ALA A 158 7.00 -16.33 -5.01
CA ALA A 158 6.78 -16.78 -6.39
C ALA A 158 6.83 -15.65 -7.41
N LYS A 159 6.88 -14.42 -6.95
CA LYS A 159 6.97 -13.26 -7.83
C LYS A 159 8.20 -13.39 -8.71
N PRO A 160 8.09 -13.01 -9.99
CA PRO A 160 6.88 -12.52 -10.66
C PRO A 160 6.22 -13.57 -11.52
N ASN A 161 5.00 -13.29 -11.96
CA ASN A 161 4.24 -14.19 -12.82
C ASN A 161 4.29 -15.63 -12.35
N GLY A 162 4.12 -15.83 -11.05
CA GLY A 162 4.21 -17.16 -10.48
C GLY A 162 2.95 -17.64 -9.80
N ILE A 163 3.05 -18.83 -9.21
CA ILE A 163 2.02 -19.36 -8.33
C ILE A 163 2.70 -20.28 -7.32
N LYS A 164 2.33 -20.20 -6.04
CA LYS A 164 2.95 -21.07 -5.04
C LYS A 164 2.00 -21.48 -3.91
N VAL A 165 2.10 -22.73 -3.49
CA VAL A 165 1.38 -23.19 -2.32
C VAL A 165 2.33 -23.37 -1.14
N ILE A 166 1.92 -22.90 0.02
CA ILE A 166 2.61 -23.21 1.25
C ILE A 166 1.71 -24.13 2.05
N ASP A 167 1.98 -25.44 2.00
CA ASP A 167 1.16 -26.41 2.75
C ASP A 167 1.50 -26.39 4.23
N ASP A 168 0.81 -27.23 4.98
CA ASP A 168 0.94 -27.21 6.42
C ASP A 168 2.35 -27.51 6.87
N GLU A 169 3.02 -28.44 6.20
CA GLU A 169 4.38 -28.78 6.60
C GLU A 169 5.29 -27.59 6.33
N GLU A 170 5.10 -26.89 5.21
CA GLU A 170 5.99 -25.80 4.90
C GLU A 170 5.73 -24.64 5.86
N VAL A 171 4.48 -24.47 6.27
CA VAL A 171 4.17 -23.45 7.26
C VAL A 171 4.99 -23.72 8.51
N LYS A 172 5.07 -24.98 8.93
CA LYS A 172 5.85 -25.29 10.11
C LYS A 172 7.35 -25.03 9.85
N ARG A 173 7.83 -25.32 8.65
CA ARG A 173 9.22 -25.03 8.35
C ARG A 173 9.49 -23.52 8.44
N LEU A 174 8.63 -22.70 7.84
CA LEU A 174 8.83 -21.26 7.84
C LEU A 174 8.83 -20.67 9.23
N ILE A 175 8.02 -21.23 10.13
CA ILE A 175 7.99 -20.72 11.50
C ILE A 175 9.37 -20.82 12.15
N ARG A 176 10.15 -21.82 11.74
CA ARG A 176 11.51 -21.99 12.26
C ARG A 176 12.55 -21.21 11.45
N GLU A 177 12.40 -21.19 10.13
CA GLU A 177 13.48 -20.74 9.23
C GLU A 177 13.30 -19.36 8.59
N LEU A 178 12.05 -18.91 8.46
CA LEU A 178 11.83 -17.61 7.83
C LEU A 178 12.37 -16.47 8.67
N ASP A 179 13.15 -15.61 8.02
CA ASP A 179 13.64 -14.38 8.61
C ASP A 179 12.44 -13.53 9.08
N ILE A 180 12.39 -13.21 10.37
CA ILE A 180 11.22 -12.55 10.92
C ILE A 180 10.99 -11.17 10.31
N ALA A 181 12.06 -10.56 9.82
CA ALA A 181 11.96 -9.29 9.12
C ALA A 181 11.10 -9.45 7.88
N ASP A 182 10.95 -10.69 7.40
CA ASP A 182 10.19 -10.92 6.17
C ASP A 182 8.71 -11.23 6.41
N VAL A 183 8.28 -11.12 7.65
CA VAL A 183 6.87 -11.32 7.98
C VAL A 183 6.07 -10.04 7.69
N PRO A 184 4.94 -10.16 7.00
CA PRO A 184 4.18 -8.93 6.76
C PRO A 184 3.90 -8.17 8.05
N GLY A 185 4.14 -6.86 8.05
CA GLY A 185 3.84 -6.06 9.22
C GLY A 185 5.07 -5.72 10.02
N ILE A 186 6.20 -6.34 9.70
CA ILE A 186 7.46 -6.07 10.41
C ILE A 186 8.37 -5.19 9.55
N GLY A 187 8.44 -3.92 9.89
CA GLY A 187 9.22 -2.96 9.12
C GLY A 187 10.58 -2.79 9.75
N ASN A 188 11.40 -1.94 9.16
CA ASN A 188 12.77 -1.82 9.65
C ASN A 188 12.84 -1.48 11.13
N ILE A 189 12.04 -0.52 11.59
CA ILE A 189 12.15 -0.14 12.99
C ILE A 189 11.78 -1.29 13.94
N THR A 190 10.79 -2.10 13.58
CA THR A 190 10.40 -3.20 14.44
C THR A 190 11.43 -4.33 14.34
N ALA A 191 11.90 -4.60 13.12
CA ALA A 191 12.88 -5.65 12.88
C ALA A 191 14.15 -5.39 13.69
N GLU A 192 14.51 -4.11 13.83
CA GLU A 192 15.68 -3.75 14.61
C GLU A 192 15.41 -3.91 16.11
N LYS A 193 14.21 -3.56 16.56
CA LYS A 193 13.86 -3.73 17.97
C LYS A 193 13.93 -5.21 18.35
N LEU A 194 13.47 -6.06 17.45
CA LEU A 194 13.45 -7.51 17.68
C LEU A 194 14.85 -8.09 17.73
N LYS A 195 15.67 -7.74 16.74
CA LYS A 195 17.05 -8.22 16.68
C LYS A 195 17.76 -7.94 18.01
N LYS A 196 17.44 -6.79 18.60
CA LYS A 196 18.04 -6.34 19.85
C LYS A 196 17.54 -7.18 21.04
N LEU A 197 16.45 -7.91 20.82
CA LEU A 197 15.93 -8.85 21.81
C LEU A 197 16.39 -10.27 21.54
N GLY A 198 17.07 -10.45 20.41
CA GLY A 198 17.58 -11.75 20.02
C GLY A 198 16.61 -12.56 19.19
N ILE A 199 15.45 -11.97 18.90
CA ILE A 199 14.44 -12.64 18.06
C ILE A 199 14.74 -12.49 16.57
N ASN A 200 14.89 -13.62 15.90
CA ASN A 200 15.23 -13.63 14.49
C ASN A 200 14.30 -14.51 13.66
N LYS A 201 13.52 -15.33 14.35
CA LYS A 201 12.58 -16.26 13.73
C LYS A 201 11.30 -16.23 14.56
N LEU A 202 10.19 -16.54 13.91
CA LEU A 202 8.89 -16.52 14.59
C LEU A 202 8.92 -17.39 15.84
N VAL A 203 9.51 -18.58 15.71
CA VAL A 203 9.57 -19.50 16.83
C VAL A 203 10.15 -18.83 18.08
N ASP A 204 11.09 -17.90 17.91
CA ASP A 204 11.76 -17.29 19.06
C ASP A 204 10.80 -16.54 19.95
N THR A 205 9.69 -16.06 19.38
CA THR A 205 8.75 -15.28 20.15
C THR A 205 7.97 -16.12 21.18
N LEU A 206 8.03 -17.44 21.05
CA LEU A 206 7.33 -18.34 21.99
C LEU A 206 8.11 -18.54 23.31
N SER A 207 9.42 -18.39 23.25
CA SER A 207 10.25 -18.65 24.43
C SER A 207 10.56 -17.40 25.25
N ILE A 208 10.59 -16.24 24.59
CA ILE A 208 10.81 -14.97 25.28
C ILE A 208 9.63 -14.64 26.18
N GLU A 209 9.89 -13.97 27.30
CA GLU A 209 8.81 -13.60 28.21
C GLU A 209 7.93 -12.56 27.52
N PHE A 210 6.62 -12.76 27.59
CA PHE A 210 5.69 -11.91 26.81
C PHE A 210 5.87 -10.42 27.11
N ASP A 211 5.93 -10.05 28.39
CA ASP A 211 5.99 -8.63 28.74
C ASP A 211 7.23 -7.94 28.18
N LYS A 212 8.32 -8.69 28.05
CA LYS A 212 9.51 -8.18 27.41
C LYS A 212 9.18 -7.80 25.97
N LEU A 213 8.62 -8.77 25.25
CA LEU A 213 8.25 -8.59 23.84
C LEU A 213 7.32 -7.39 23.69
N LYS A 214 6.27 -7.40 24.47
CA LYS A 214 5.24 -6.37 24.46
C LYS A 214 5.80 -4.99 24.80
N GLY A 215 6.80 -4.95 25.67
CA GLY A 215 7.36 -3.68 26.10
C GLY A 215 8.12 -3.02 24.97
N MET A 216 8.70 -3.85 24.11
CA MET A 216 9.49 -3.36 23.01
C MET A 216 8.63 -2.99 21.77
N ILE A 217 7.76 -3.90 21.35
CA ILE A 217 7.00 -3.70 20.09
C ILE A 217 5.50 -3.49 20.28
N GLY A 218 5.02 -3.53 21.52
CA GLY A 218 3.62 -3.25 21.79
C GLY A 218 2.78 -4.52 21.83
N GLU A 219 1.66 -4.43 22.53
CA GLU A 219 0.79 -5.57 22.73
C GLU A 219 0.32 -6.18 21.40
N ALA A 220 -0.21 -5.36 20.50
CA ALA A 220 -0.81 -5.88 19.26
C ALA A 220 0.18 -6.68 18.43
N LYS A 221 1.36 -6.13 18.17
CA LYS A 221 2.30 -6.86 17.33
C LYS A 221 2.86 -8.11 18.04
N ALA A 222 2.94 -8.07 19.37
CA ALA A 222 3.42 -9.22 20.12
C ALA A 222 2.47 -10.40 19.94
N LYS A 223 1.19 -10.12 20.17
CA LYS A 223 0.15 -11.13 20.04
C LYS A 223 0.10 -11.66 18.61
N TYR A 224 0.21 -10.74 17.65
CA TYR A 224 0.22 -11.10 16.24
C TYR A 224 1.30 -12.12 15.94
N LEU A 225 2.51 -11.81 16.36
CA LEU A 225 3.65 -12.66 16.06
C LEU A 225 3.52 -14.02 16.75
N ILE A 226 3.11 -14.01 18.00
CA ILE A 226 2.95 -15.23 18.77
C ILE A 226 1.87 -16.11 18.12
N SER A 227 0.75 -15.52 17.72
CA SER A 227 -0.32 -16.29 17.09
C SER A 227 0.22 -16.97 15.84
N LEU A 228 1.11 -16.30 15.13
CA LEU A 228 1.64 -16.85 13.91
C LEU A 228 2.59 -17.98 14.23
N ALA A 229 3.44 -17.78 15.24
CA ALA A 229 4.43 -18.79 15.59
C ALA A 229 3.78 -20.06 16.06
N ARG A 230 2.63 -19.91 16.74
CA ARG A 230 1.86 -21.06 17.26
C ARG A 230 1.01 -21.71 16.18
N ASP A 231 1.12 -21.22 14.95
CA ASP A 231 0.33 -21.78 13.87
C ASP A 231 -1.16 -21.64 14.19
N GLU A 232 -1.52 -20.55 14.86
CA GLU A 232 -2.91 -20.29 15.26
C GLU A 232 -3.48 -18.97 14.72
N TYR A 233 -2.76 -18.31 13.82
CA TYR A 233 -3.29 -17.08 13.24
C TYR A 233 -4.46 -17.44 12.34
N ASN A 234 -5.62 -16.86 12.62
CA ASN A 234 -6.72 -16.91 11.68
C ASN A 234 -7.52 -15.64 11.76
N GLU A 235 -7.46 -14.86 10.67
CA GLU A 235 -8.20 -13.63 10.52
C GLU A 235 -9.07 -13.81 9.30
N PRO A 236 -10.36 -13.52 9.41
CA PRO A 236 -11.21 -13.80 8.25
C PRO A 236 -10.98 -12.80 7.12
N ILE A 237 -11.28 -13.21 5.90
CA ILE A 237 -11.33 -12.30 4.78
C ILE A 237 -12.50 -11.33 5.00
N ARG A 238 -12.21 -10.04 4.99
CA ARG A 238 -13.23 -9.03 5.31
C ARG A 238 -13.34 -8.04 4.17
N THR A 239 -14.56 -7.66 3.81
CA THR A 239 -14.79 -6.57 2.86
C THR A 239 -14.21 -5.28 3.44
N ARG A 240 -13.27 -4.64 2.74
CA ARG A 240 -12.69 -3.40 3.23
C ARG A 240 -13.53 -2.19 2.77
N VAL A 241 -13.62 -1.17 3.61
CA VAL A 241 -14.40 0.01 3.29
C VAL A 241 -13.49 1.23 3.40
N ARG A 242 -13.63 2.18 2.49
CA ARG A 242 -12.79 3.37 2.54
C ARG A 242 -13.13 4.14 3.79
N LYS A 243 -12.10 4.63 4.47
CA LYS A 243 -12.32 5.33 5.72
C LYS A 243 -11.77 6.75 5.68
N SER A 244 -10.83 7.03 4.78
CA SER A 244 -10.34 8.39 4.66
C SER A 244 -9.85 8.69 3.25
N ILE A 245 -10.06 9.93 2.81
CA ILE A 245 -9.74 10.36 1.45
C ILE A 245 -9.16 11.76 1.51
N GLY A 246 -8.04 11.96 0.83
CA GLY A 246 -7.29 13.19 1.01
C GLY A 246 -6.40 13.48 -0.16
N ARG A 247 -5.69 14.61 -0.08
CA ARG A 247 -4.78 15.06 -1.11
C ARG A 247 -3.79 15.98 -0.44
N ILE A 248 -2.51 15.81 -0.79
CA ILE A 248 -1.44 16.65 -0.29
C ILE A 248 -0.60 17.08 -1.47
N VAL A 249 -0.35 18.39 -1.55
CA VAL A 249 0.41 18.95 -2.66
C VAL A 249 1.70 19.60 -2.14
N THR A 250 2.77 19.45 -2.90
CA THR A 250 4.05 20.07 -2.60
C THR A 250 4.01 21.53 -3.04
N MET A 251 4.48 22.43 -2.19
CA MET A 251 4.50 23.84 -2.53
C MET A 251 5.79 24.19 -3.28
N LYS A 252 5.73 25.25 -4.07
CA LYS A 252 6.88 25.67 -4.85
C LYS A 252 8.06 25.95 -3.94
N ARG A 253 7.77 26.50 -2.76
CA ARG A 253 8.82 26.78 -1.79
C ARG A 253 8.30 26.67 -0.38
N ASN A 254 9.18 26.20 0.49
CA ASN A 254 8.84 26.08 1.90
C ASN A 254 8.41 27.44 2.44
N SER A 255 7.35 27.44 3.26
CA SER A 255 6.77 28.70 3.74
C SER A 255 6.13 28.53 5.11
N ARG A 256 5.97 29.65 5.80
CA ARG A 256 5.15 29.71 7.01
C ARG A 256 4.14 30.82 6.85
N ASN A 257 4.04 31.38 5.65
CA ASN A 257 3.13 32.49 5.35
C ASN A 257 1.72 32.00 4.98
N LEU A 258 0.76 32.34 5.83
CA LEU A 258 -0.61 31.87 5.66
C LEU A 258 -1.14 32.14 4.25
N GLU A 259 -0.97 33.36 3.74
CA GLU A 259 -1.55 33.70 2.44
C GLU A 259 -0.86 32.95 1.33
N GLU A 260 0.42 32.66 1.54
CA GLU A 260 1.19 31.89 0.58
C GLU A 260 0.68 30.45 0.52
N ILE A 261 0.31 29.91 1.67
CA ILE A 261 -0.01 28.49 1.79
C ILE A 261 -1.44 28.25 1.33
N LYS A 262 -2.31 29.22 1.56
CA LYS A 262 -3.74 29.05 1.32
C LYS A 262 -4.11 28.52 -0.05
N PRO A 263 -3.51 29.06 -1.13
CA PRO A 263 -3.90 28.64 -2.48
C PRO A 263 -3.68 27.16 -2.70
N TYR A 264 -2.59 26.64 -2.12
CA TYR A 264 -2.30 25.20 -2.16
C TYR A 264 -3.28 24.41 -1.31
N LEU A 265 -3.61 24.94 -0.15
CA LEU A 265 -4.52 24.25 0.74
C LEU A 265 -5.89 24.11 0.06
N PHE A 266 -6.34 25.17 -0.60
CA PHE A 266 -7.64 25.20 -1.26
C PHE A 266 -7.66 24.29 -2.48
N ARG A 267 -6.56 24.24 -3.21
CA ARG A 267 -6.44 23.26 -4.28
C ARG A 267 -6.62 21.83 -3.73
N ALA A 268 -5.99 21.52 -2.60
CA ALA A 268 -6.10 20.19 -2.02
C ALA A 268 -7.54 19.90 -1.63
N ILE A 269 -8.24 20.90 -1.11
CA ILE A 269 -9.65 20.71 -0.77
C ILE A 269 -10.49 20.40 -2.03
N GLU A 270 -10.30 21.20 -3.08
CA GLU A 270 -11.01 20.99 -4.34
C GLU A 270 -10.84 19.56 -4.87
N GLU A 271 -9.58 19.13 -4.94
CA GLU A 271 -9.27 17.81 -5.47
C GLU A 271 -9.82 16.73 -4.54
N SER A 272 -9.77 16.98 -3.23
CA SER A 272 -10.30 16.01 -2.27
C SER A 272 -11.79 15.81 -2.39
N TYR A 273 -12.52 16.90 -2.58
CA TYR A 273 -13.97 16.79 -2.72
C TYR A 273 -14.31 16.08 -4.02
N TYR A 274 -13.49 16.30 -5.04
CA TYR A 274 -13.69 15.58 -6.28
C TYR A 274 -13.59 14.07 -6.01
N LYS A 275 -12.55 13.68 -5.26
CA LYS A 275 -12.31 12.26 -4.93
C LYS A 275 -13.35 11.67 -3.99
N LEU A 276 -13.93 12.50 -3.13
CA LEU A 276 -14.95 12.05 -2.20
C LEU A 276 -16.16 11.48 -2.96
N ASP A 277 -16.44 12.05 -4.13
CA ASP A 277 -17.60 11.67 -4.93
C ASP A 277 -18.91 11.90 -4.15
N LYS A 278 -19.58 10.83 -3.72
CA LYS A 278 -20.85 10.99 -3.05
C LYS A 278 -20.74 10.86 -1.54
N ARG A 279 -19.53 10.64 -1.05
CA ARG A 279 -19.32 10.49 0.38
C ARG A 279 -19.34 11.86 1.05
N ILE A 280 -19.98 11.94 2.21
CA ILE A 280 -19.98 13.17 3.00
C ILE A 280 -19.28 12.90 4.31
N PRO A 281 -18.12 13.54 4.50
CA PRO A 281 -17.32 13.37 5.72
C PRO A 281 -17.83 14.23 6.86
N LYS A 282 -17.65 13.76 8.08
CA LYS A 282 -17.94 14.56 9.26
C LYS A 282 -16.65 15.08 9.88
N ALA A 283 -15.49 14.62 9.41
CA ALA A 283 -14.21 15.07 9.98
C ALA A 283 -13.25 15.55 8.90
N ILE A 284 -12.48 16.56 9.25
CA ILE A 284 -11.47 17.10 8.35
C ILE A 284 -10.17 17.29 9.12
N HIS A 285 -9.05 16.90 8.51
CA HIS A 285 -7.72 17.14 9.07
C HIS A 285 -6.93 17.92 8.04
N VAL A 286 -6.21 18.93 8.50
CA VAL A 286 -5.18 19.56 7.70
C VAL A 286 -3.89 18.90 8.07
N VAL A 287 -3.06 18.64 7.08
CA VAL A 287 -1.89 17.79 7.22
C VAL A 287 -0.74 18.55 6.58
N ALA A 288 0.29 18.83 7.38
CA ALA A 288 1.48 19.55 6.90
C ALA A 288 2.73 18.68 6.96
N VAL A 289 3.49 18.65 5.87
CA VAL A 289 4.77 17.99 5.86
C VAL A 289 5.81 19.09 6.01
N THR A 290 6.60 19.04 7.08
CA THR A 290 7.58 20.08 7.35
C THR A 290 8.75 19.99 6.38
N GLU A 291 9.67 20.95 6.48
CA GLU A 291 10.88 20.98 5.64
C GLU A 291 11.72 19.73 5.84
N ASP A 292 11.89 19.32 7.09
CA ASP A 292 12.62 18.09 7.40
C ASP A 292 11.72 16.87 7.26
N LEU A 293 10.59 17.06 6.57
CA LEU A 293 9.71 15.97 6.18
C LEU A 293 8.99 15.25 7.32
N ASP A 294 8.88 15.88 8.47
CA ASP A 294 7.98 15.36 9.50
C ASP A 294 6.53 15.66 9.10
N ILE A 295 5.58 14.94 9.67
CA ILE A 295 4.17 15.16 9.37
C ILE A 295 3.44 15.62 10.63
N VAL A 296 2.73 16.73 10.50
CA VAL A 296 1.98 17.33 11.59
C VAL A 296 0.55 17.55 11.12
N SER A 297 -0.44 17.24 11.94
CA SER A 297 -1.83 17.38 11.53
C SER A 297 -2.73 17.84 12.68
N ARG A 298 -3.79 18.54 12.33
CA ARG A 298 -4.81 18.96 13.30
C ARG A 298 -6.13 18.73 12.65
N GLY A 299 -7.12 18.26 13.41
CA GLY A 299 -8.40 17.95 12.84
C GLY A 299 -9.56 18.52 13.61
N ARG A 300 -10.73 18.33 13.04
CA ARG A 300 -11.95 18.78 13.65
C ARG A 300 -13.05 17.84 13.19
N THR A 301 -13.83 17.32 14.13
CA THR A 301 -15.00 16.51 13.79
C THR A 301 -16.28 17.29 14.07
N PHE A 302 -17.25 17.24 13.14
CA PHE A 302 -18.54 17.94 13.30
C PHE A 302 -19.63 16.94 13.51
N PRO A 303 -20.69 17.34 14.22
CA PRO A 303 -21.83 16.42 14.35
C PRO A 303 -22.66 16.37 13.07
N HIS A 304 -22.16 16.92 11.98
CA HIS A 304 -22.86 16.86 10.70
C HIS A 304 -21.85 16.74 9.56
N GLY A 305 -22.33 16.47 8.35
CA GLY A 305 -21.49 16.46 7.16
C GLY A 305 -20.87 17.84 6.93
N ILE A 306 -19.72 17.84 6.28
CA ILE A 306 -18.98 19.06 6.04
C ILE A 306 -19.14 19.51 4.62
N SER A 307 -19.75 20.68 4.42
CA SER A 307 -19.91 21.17 3.04
C SER A 307 -18.56 21.71 2.58
N LYS A 308 -18.37 21.91 1.28
CA LYS A 308 -17.09 22.40 0.80
C LYS A 308 -16.81 23.79 1.37
N GLU A 309 -17.85 24.60 1.54
CA GLU A 309 -17.66 25.92 2.16
C GLU A 309 -17.16 25.79 3.59
N THR A 310 -17.72 24.85 4.35
CA THR A 310 -17.26 24.64 5.72
C THR A 310 -15.82 24.09 5.70
N ALA A 311 -15.50 23.23 4.74
CA ALA A 311 -14.12 22.73 4.63
C ALA A 311 -13.12 23.88 4.45
N TYR A 312 -13.42 24.79 3.52
CA TYR A 312 -12.56 25.94 3.30
C TYR A 312 -12.32 26.72 4.59
N SER A 313 -13.38 27.10 5.30
CA SER A 313 -13.20 27.99 6.45
C SER A 313 -12.54 27.26 7.61
N GLU A 314 -12.95 26.03 7.89
CA GLU A 314 -12.33 25.27 8.98
C GLU A 314 -10.86 24.96 8.70
N SER A 315 -10.53 24.64 7.45
CA SER A 315 -9.16 24.24 7.13
C SER A 315 -8.18 25.38 7.46
N VAL A 316 -8.59 26.62 7.22
CA VAL A 316 -7.74 27.76 7.55
C VAL A 316 -7.51 27.84 9.05
N LYS A 317 -8.57 27.56 9.81
CA LYS A 317 -8.44 27.57 11.26
C LYS A 317 -7.49 26.49 11.74
N LEU A 318 -7.56 25.30 11.13
CA LEU A 318 -6.66 24.20 11.53
C LEU A 318 -5.23 24.48 11.09
N LEU A 319 -5.05 25.09 9.93
CA LEU A 319 -3.69 25.39 9.47
C LEU A 319 -3.07 26.40 10.42
N GLN A 320 -3.85 27.39 10.82
CA GLN A 320 -3.38 28.34 11.81
C GLN A 320 -2.97 27.67 13.10
N LYS A 321 -3.75 26.67 13.51
CA LYS A 321 -3.44 25.88 14.68
C LYS A 321 -2.07 25.24 14.51
N ILE A 322 -1.80 24.70 13.34
CA ILE A 322 -0.51 24.05 13.07
C ILE A 322 0.63 25.06 13.13
N LEU A 323 0.41 26.25 12.58
CA LEU A 323 1.46 27.25 12.57
C LEU A 323 1.72 27.74 14.00
N GLU A 324 0.67 27.81 14.80
CA GLU A 324 0.75 28.23 16.21
C GLU A 324 1.58 27.28 17.06
N GLU A 325 1.59 25.99 16.72
CA GLU A 325 2.11 24.95 17.59
C GLU A 325 3.38 24.28 17.09
N ASP A 326 3.79 24.63 15.88
CA ASP A 326 5.06 24.15 15.34
C ASP A 326 5.72 25.28 14.55
N GLU A 327 7.02 25.43 14.67
CA GLU A 327 7.70 26.60 14.15
C GLU A 327 8.47 26.32 12.86
N ARG A 328 8.52 25.05 12.47
CA ARG A 328 9.21 24.65 11.25
C ARG A 328 8.46 25.12 10.01
N LYS A 329 9.19 25.33 8.93
CA LYS A 329 8.57 25.73 7.67
C LYS A 329 7.84 24.55 7.05
N ILE A 330 6.75 24.83 6.35
CA ILE A 330 5.97 23.78 5.72
C ILE A 330 6.39 23.56 4.27
N ARG A 331 6.53 22.30 3.89
CA ARG A 331 6.94 21.90 2.54
C ARG A 331 5.78 21.38 1.67
N ARG A 332 4.89 20.58 2.27
CA ARG A 332 3.71 20.06 1.60
C ARG A 332 2.51 20.37 2.49
N ILE A 333 1.35 20.59 1.89
CA ILE A 333 0.15 20.89 2.68
C ILE A 333 -1.03 20.19 2.04
N GLY A 334 -1.93 19.66 2.86
CA GLY A 334 -3.09 19.00 2.32
C GLY A 334 -4.18 18.81 3.36
N VAL A 335 -5.20 18.08 2.96
CA VAL A 335 -6.32 17.79 3.84
C VAL A 335 -6.66 16.32 3.68
N ARG A 336 -7.31 15.76 4.70
CA ARG A 336 -7.83 14.40 4.63
C ARG A 336 -9.18 14.43 5.29
N PHE A 337 -10.17 13.80 4.66
CA PHE A 337 -11.53 13.75 5.19
C PHE A 337 -11.86 12.34 5.60
N SER A 338 -12.70 12.20 6.63
CA SER A 338 -13.04 10.90 7.18
C SER A 338 -14.36 10.94 7.93
N LYS A 339 -14.68 9.82 8.57
CA LYS A 339 -15.95 9.66 9.30
C LYS A 339 -17.10 9.99 8.38
N PHE A 340 -17.23 9.17 7.33
CA PHE A 340 -18.24 9.39 6.31
C PHE A 340 -19.60 9.01 6.86
N ILE A 341 -20.64 9.66 6.34
CA ILE A 341 -22.00 9.45 6.84
C ILE A 341 -22.54 8.07 6.47
CA CA D . 2.24 -6.06 -7.18
CA CA E . 0.93 -5.33 -4.13
CA CA F . 10.15 -6.44 6.49
N1 DCP G . 3.38 1.82 -5.32
C2 DCP G . 3.71 3.20 -5.05
N3 DCP G . 4.74 3.54 -4.12
C4 DCP G . 5.45 2.51 -3.43
C5 DCP G . 5.13 1.10 -3.68
C6 DCP G . 4.08 0.78 -4.66
O2 DCP G . 3.12 4.12 -5.60
N4 DCP G . 6.46 2.89 -2.50
C1' DCP G . 2.33 1.52 -6.31
C2' DCP G . 2.92 1.22 -7.63
C3' DCP G . 2.99 -0.25 -7.68
C4' DCP G . 1.81 -0.68 -6.93
O4' DCP G . 1.58 0.41 -5.97
O3' DCP G . 2.95 -0.69 -9.01
C5' DCP G . 1.97 -2.07 -6.30
O5' DCP G . 2.99 -2.34 -5.35
PA DCP G . 3.94 -3.63 -5.36
O1A DCP G . 4.34 -3.07 -3.99
O2A DCP G . 2.74 -4.57 -5.49
O3A DCP G . 4.70 -3.19 -6.71
PB DCP G . 4.67 -3.82 -8.19
O1B DCP G . 3.24 -4.33 -8.15
O2B DCP G . 5.03 -2.38 -8.66
O3B DCP G . 5.86 -4.78 -7.92
PG DCP G . 5.76 -6.33 -7.74
O1G DCP G . 4.51 -6.65 -6.98
O2G DCP G . 6.97 -6.62 -6.88
O3G DCP G . 5.76 -7.11 -9.04
H5 DCP G . 5.62 0.40 -3.23
H6 DCP G . 3.85 -0.14 -4.85
HN41 DCP G . 6.49 2.27 -1.83
HN42 DCP G . 6.25 3.70 -2.14
H1' DCP G . 1.75 2.28 -6.40
H2'1 DCP G . 2.35 1.56 -8.34
H2'2 DCP G . 3.83 1.60 -7.69
H3' DCP G . 3.79 -0.57 -7.24
H4' DCP G . 1.05 -0.72 -7.55
HO3' DCP G . 3.03 -1.58 -9.03
H5'1 DCP G . 2.09 -2.70 -7.04
H5'2 DCP G . 1.12 -2.29 -5.88
#